data_4ZB3
#
_entry.id   4ZB3
#
_cell.length_a   116.788
_cell.length_b   116.788
_cell.length_c   115.735
_cell.angle_alpha   90.000
_cell.angle_beta   90.000
_cell.angle_gamma   120.000
#
_symmetry.space_group_name_H-M   'P 62 2 2'
#
loop_
_entity.id
_entity.type
_entity.pdbx_description
1 polymer 'Nudix hydrolase 7'
2 non-polymer 'SULFATE ION'
3 water water
#
_entity_poly.entity_id   1
_entity_poly.type   'polypeptide(L)'
_entity_poly.pdbx_seq_one_letter_code
;MGSHHHHHHHHGSDYDIPTTENLYFQGSMGTRAQQIPLLEGETDNYDGVTVTMVEPMDSEVFTESLRASLSHWREEGKKG
IWIKLPLGLANLVEAAVSEGFRYHHAEPEYLMLVSWISETPDTIPANASHVVGAGALVINKNTKEVLVVQERSGFFKDKN
VWKLPTGVINEGEDIWTGVAREVEEETGIIADFVEVLAFRQSHKAILKKKTDMFFLCVLSPRSYDITEQKSEILQAKWMP
IQEYVDQPWNKKNEMFKFMANICQKKCEEEYLGFAIVPTTTSSGKESFIYCNADHAKRLKVSRDQASASL
;
_entity_poly.pdbx_strand_id   A
#
loop_
_chem_comp.id
_chem_comp.type
_chem_comp.name
_chem_comp.formula
SO4 non-polymer 'SULFATE ION' 'O4 S -2'
#
# COMPACT_ATOMS: atom_id res chain seq x y z
N GLN A 35 -6.62 -18.69 -34.62
CA GLN A 35 -8.03 -18.41 -34.17
C GLN A 35 -8.41 -19.27 -32.96
N ILE A 36 -8.61 -18.67 -31.79
CA ILE A 36 -8.75 -19.40 -30.51
C ILE A 36 -10.13 -19.34 -29.80
N PRO A 37 -10.58 -20.49 -29.23
CA PRO A 37 -11.87 -20.52 -28.51
C PRO A 37 -11.74 -19.97 -27.08
N LEU A 38 -12.02 -18.68 -26.93
CA LEU A 38 -11.88 -17.96 -25.68
C LEU A 38 -13.18 -18.02 -24.88
N LEU A 39 -13.06 -18.45 -23.62
CA LEU A 39 -14.18 -18.32 -22.65
C LEU A 39 -14.50 -16.85 -22.41
N GLU A 40 -15.80 -16.53 -22.36
CA GLU A 40 -16.24 -15.20 -22.00
C GLU A 40 -16.08 -14.97 -20.51
N GLY A 41 -15.34 -13.93 -20.18
CA GLY A 41 -15.04 -13.59 -18.81
C GLY A 41 -15.19 -12.09 -18.58
N GLU A 42 -15.44 -11.72 -17.35
CA GLU A 42 -15.52 -10.34 -16.97
C GLU A 42 -14.19 -9.93 -16.30
N THR A 43 -13.56 -8.92 -16.89
CA THR A 43 -12.33 -8.40 -16.36
C THR A 43 -12.63 -7.44 -15.22
N ASP A 44 -11.71 -7.34 -14.28
CA ASP A 44 -11.88 -6.43 -13.15
C ASP A 44 -10.74 -5.45 -13.17
N ASN A 45 -10.73 -4.49 -12.24
CA ASN A 45 -9.67 -3.46 -12.19
C ASN A 45 -8.31 -3.96 -11.74
N TYR A 46 -8.22 -5.24 -11.34
CA TYR A 46 -6.96 -5.81 -10.85
C TYR A 46 -6.39 -6.86 -11.79
N ASP A 47 -6.72 -6.73 -13.08
CA ASP A 47 -6.30 -7.67 -14.12
C ASP A 47 -6.69 -9.12 -13.81
N GLY A 48 -7.79 -9.31 -13.09
CA GLY A 48 -8.40 -10.64 -12.99
C GLY A 48 -9.46 -10.86 -14.04
N VAL A 49 -9.83 -12.12 -14.26
CA VAL A 49 -10.92 -12.49 -15.16
C VAL A 49 -11.84 -13.44 -14.41
N THR A 50 -13.13 -13.14 -14.41
CA THR A 50 -14.12 -14.04 -13.81
C THR A 50 -15.00 -14.62 -14.88
N VAL A 51 -14.86 -15.93 -15.09
CA VAL A 51 -15.74 -16.66 -15.98
C VAL A 51 -16.89 -17.26 -15.22
N THR A 52 -18.11 -16.87 -15.61
CA THR A 52 -19.31 -17.46 -15.03
C THR A 52 -19.92 -18.46 -16.01
N MET A 53 -19.76 -19.76 -15.75
CA MET A 53 -20.34 -20.78 -16.66
C MET A 53 -21.83 -20.90 -16.47
N VAL A 54 -22.56 -21.09 -17.55
CA VAL A 54 -24.02 -21.09 -17.52
C VAL A 54 -24.55 -22.29 -18.31
N GLU A 55 -24.22 -22.36 -19.59
CA GLU A 55 -24.77 -23.40 -20.49
C GLU A 55 -23.94 -24.66 -20.35
N PRO A 56 -24.60 -25.84 -20.46
CA PRO A 56 -23.86 -27.10 -20.45
C PRO A 56 -22.76 -27.09 -21.52
N MET A 57 -21.68 -27.81 -21.24
CA MET A 57 -20.56 -27.91 -22.15
C MET A 57 -19.88 -29.22 -21.82
N ASP A 58 -19.44 -29.89 -22.86
CA ASP A 58 -18.67 -31.11 -22.79
C ASP A 58 -17.31 -30.80 -22.20
N SER A 59 -16.80 -31.69 -21.37
CA SER A 59 -15.60 -31.40 -20.61
C SER A 59 -14.33 -31.26 -21.46
N GLU A 60 -14.19 -32.01 -22.53
CA GLU A 60 -13.00 -31.90 -23.36
C GLU A 60 -13.02 -30.66 -24.27
N VAL A 61 -14.23 -30.19 -24.61
CA VAL A 61 -14.38 -28.87 -25.26
C VAL A 61 -14.05 -27.77 -24.24
N PHE A 62 -14.46 -27.97 -22.98
CA PHE A 62 -14.13 -27.05 -21.96
C PHE A 62 -12.61 -26.98 -21.76
N THR A 63 -11.94 -28.13 -21.67
CA THR A 63 -10.50 -28.07 -21.38
C THR A 63 -9.67 -27.48 -22.53
N GLU A 64 -10.10 -27.72 -23.77
CA GLU A 64 -9.48 -27.08 -24.93
C GLU A 64 -9.64 -25.56 -24.88
N SER A 65 -10.88 -25.11 -24.71
CA SER A 65 -11.14 -23.70 -24.51
C SER A 65 -10.39 -23.09 -23.31
N LEU A 66 -10.30 -23.81 -22.20
CA LEU A 66 -9.66 -23.27 -20.99
C LEU A 66 -8.13 -23.15 -21.19
N ARG A 67 -7.51 -24.16 -21.78
CA ARG A 67 -6.08 -24.12 -22.07
C ARG A 67 -5.73 -22.94 -23.00
N ALA A 68 -6.53 -22.71 -24.02
CA ALA A 68 -6.27 -21.60 -24.95
C ALA A 68 -6.57 -20.26 -24.26
N SER A 69 -7.65 -20.21 -23.48
CA SER A 69 -7.98 -18.99 -22.75
C SER A 69 -6.88 -18.56 -21.78
N LEU A 70 -6.28 -19.54 -21.10
CA LEU A 70 -5.21 -19.30 -20.16
C LEU A 70 -3.93 -18.76 -20.81
N SER A 71 -3.54 -19.33 -21.95
CA SER A 71 -2.40 -18.79 -22.71
C SER A 71 -2.65 -17.37 -23.14
N HIS A 72 -3.86 -17.08 -23.63
CA HIS A 72 -4.25 -15.73 -24.03
C HIS A 72 -4.19 -14.78 -22.85
N TRP A 73 -4.83 -15.15 -21.75
CA TRP A 73 -4.85 -14.32 -20.54
C TRP A 73 -3.48 -14.06 -19.99
N ARG A 74 -2.62 -15.08 -19.97
CA ARG A 74 -1.25 -14.92 -19.51
C ARG A 74 -0.47 -13.93 -20.36
N GLU A 75 -0.60 -14.01 -21.68
CA GLU A 75 0.10 -13.07 -22.56
C GLU A 75 -0.44 -11.64 -22.40
N GLU A 76 -1.72 -11.49 -22.01
CA GLU A 76 -2.33 -10.16 -21.77
C GLU A 76 -2.04 -9.67 -20.35
N GLY A 77 -1.28 -10.45 -19.59
CA GLY A 77 -0.82 -10.05 -18.25
C GLY A 77 -1.87 -10.13 -17.16
N LYS A 78 -2.82 -11.05 -17.29
CA LYS A 78 -3.84 -11.23 -16.28
C LYS A 78 -3.25 -11.93 -15.08
N LYS A 79 -3.92 -11.79 -13.94
CA LYS A 79 -3.40 -12.30 -12.69
C LYS A 79 -4.30 -13.39 -12.13
N GLY A 80 -5.39 -13.00 -11.44
CA GLY A 80 -6.30 -13.97 -10.87
C GLY A 80 -7.32 -14.39 -11.89
N ILE A 81 -7.44 -15.71 -12.12
CA ILE A 81 -8.51 -16.23 -12.99
C ILE A 81 -9.50 -17.01 -12.13
N TRP A 82 -10.75 -16.57 -12.20
CA TRP A 82 -11.84 -17.13 -11.39
C TRP A 82 -12.82 -17.80 -12.28
N ILE A 83 -13.25 -19.01 -11.89
CA ILE A 83 -14.29 -19.73 -12.61
C ILE A 83 -15.41 -20.15 -11.67
N LYS A 84 -16.61 -19.67 -11.95
CA LYS A 84 -17.78 -20.00 -11.19
C LYS A 84 -18.47 -21.13 -11.92
N LEU A 85 -18.56 -22.31 -11.27
CA LEU A 85 -19.26 -23.46 -11.86
C LEU A 85 -20.51 -23.83 -11.06
N PRO A 86 -21.70 -23.62 -11.64
CA PRO A 86 -22.95 -24.09 -11.02
C PRO A 86 -22.92 -25.60 -10.78
N LEU A 87 -23.76 -26.04 -9.85
CA LEU A 87 -23.91 -27.45 -9.53
C LEU A 87 -24.13 -28.26 -10.80
N GLY A 88 -25.07 -27.83 -11.65
CA GLY A 88 -25.41 -28.56 -12.91
C GLY A 88 -24.22 -28.75 -13.85
N LEU A 89 -23.14 -28.00 -13.66
CA LEU A 89 -21.94 -28.15 -14.49
C LEU A 89 -20.79 -28.78 -13.70
N ALA A 90 -21.13 -29.62 -12.72
CA ALA A 90 -20.13 -30.38 -11.94
C ALA A 90 -19.18 -31.20 -12.85
N ASN A 91 -19.61 -31.50 -14.08
CA ASN A 91 -18.77 -32.27 -15.04
C ASN A 91 -17.51 -31.55 -15.50
N LEU A 92 -17.41 -30.26 -15.17
CA LEU A 92 -16.27 -29.45 -15.59
C LEU A 92 -15.24 -29.25 -14.48
N VAL A 93 -15.60 -29.65 -13.26
CA VAL A 93 -14.78 -29.35 -12.08
C VAL A 93 -13.42 -30.02 -12.25
N GLU A 94 -13.41 -31.29 -12.64
CA GLU A 94 -12.16 -32.04 -12.80
C GLU A 94 -11.23 -31.40 -13.88
N ALA A 95 -11.82 -31.02 -15.01
CA ALA A 95 -11.06 -30.38 -16.10
C ALA A 95 -10.42 -29.08 -15.60
N ALA A 96 -11.16 -28.28 -14.81
CA ALA A 96 -10.58 -27.03 -14.30
C ALA A 96 -9.41 -27.32 -13.37
N VAL A 97 -9.60 -28.30 -12.48
CA VAL A 97 -8.57 -28.65 -11.49
C VAL A 97 -7.30 -29.15 -12.22
N SER A 98 -7.46 -29.94 -13.27
CA SER A 98 -6.31 -30.41 -14.08
C SER A 98 -5.49 -29.30 -14.73
N GLU A 99 -6.13 -28.16 -14.99
CA GLU A 99 -5.41 -27.02 -15.55
C GLU A 99 -4.74 -26.14 -14.49
N GLY A 100 -4.82 -26.53 -13.21
CA GLY A 100 -4.17 -25.82 -12.11
C GLY A 100 -5.09 -24.95 -11.25
N PHE A 101 -6.40 -25.09 -11.38
CA PHE A 101 -7.30 -24.35 -10.47
C PHE A 101 -7.40 -25.02 -9.09
N ARG A 102 -7.56 -24.21 -8.06
CA ARG A 102 -7.83 -24.72 -6.73
C ARG A 102 -9.18 -24.15 -6.28
N TYR A 103 -9.76 -24.71 -5.24
CA TYR A 103 -11.05 -24.24 -4.77
C TYR A 103 -10.91 -22.93 -4.02
N HIS A 104 -11.91 -22.04 -4.18
CA HIS A 104 -11.90 -20.82 -3.42
C HIS A 104 -13.02 -20.81 -2.41
N HIS A 105 -14.24 -21.04 -2.86
CA HIS A 105 -15.38 -21.14 -1.97
C HIS A 105 -16.47 -21.81 -2.72
N ALA A 106 -17.51 -22.21 -2.01
CA ALA A 106 -18.64 -22.87 -2.59
C ALA A 106 -19.92 -22.51 -1.84
N GLU A 107 -21.06 -22.63 -2.52
CA GLU A 107 -22.39 -22.37 -1.96
C GLU A 107 -23.15 -23.57 -2.50
N PRO A 108 -24.35 -23.87 -1.96
CA PRO A 108 -25.08 -25.02 -2.46
C PRO A 108 -25.19 -25.07 -3.99
N GLU A 109 -25.29 -23.92 -4.63
CA GLU A 109 -25.64 -23.89 -6.07
C GLU A 109 -24.42 -23.71 -6.98
N TYR A 110 -23.24 -23.43 -6.40
CA TYR A 110 -22.05 -23.27 -7.23
C TYR A 110 -20.72 -23.41 -6.49
N LEU A 111 -19.67 -23.71 -7.23
CA LEU A 111 -18.30 -23.74 -6.70
C LEU A 111 -17.42 -22.73 -7.43
N MET A 112 -16.64 -21.96 -6.69
CA MET A 112 -15.76 -20.97 -7.29
C MET A 112 -14.34 -21.49 -7.22
N LEU A 113 -13.68 -21.53 -8.37
CA LEU A 113 -12.30 -21.96 -8.43
C LEU A 113 -11.43 -20.78 -8.84
N VAL A 114 -10.15 -20.86 -8.51
CA VAL A 114 -9.21 -19.78 -8.79
C VAL A 114 -7.85 -20.36 -9.17
N SER A 115 -7.14 -19.65 -10.04
CA SER A 115 -5.75 -19.95 -10.37
C SER A 115 -4.98 -18.63 -10.53
N TRP A 116 -3.72 -18.65 -10.12
CA TRP A 116 -2.87 -17.47 -10.23
C TRP A 116 -1.98 -17.68 -11.40
N ILE A 117 -2.07 -16.83 -12.41
CA ILE A 117 -1.34 -17.15 -13.63
C ILE A 117 -0.24 -16.13 -13.92
N SER A 118 0.05 -15.26 -12.96
CA SER A 118 1.12 -14.27 -13.11
C SER A 118 2.34 -14.82 -12.36
N GLU A 119 3.53 -14.37 -12.73
CA GLU A 119 4.77 -14.82 -12.10
C GLU A 119 5.04 -14.08 -10.76
N THR A 120 4.25 -13.05 -10.48
CA THR A 120 4.32 -12.39 -9.19
C THR A 120 3.75 -13.33 -8.12
N PRO A 121 4.07 -13.08 -6.83
CA PRO A 121 3.66 -14.01 -5.78
C PRO A 121 2.13 -14.25 -5.72
N ASP A 122 1.76 -15.51 -5.53
CA ASP A 122 0.38 -15.98 -5.34
C ASP A 122 0.10 -15.91 -3.85
N THR A 123 -0.81 -15.01 -3.51
CA THR A 123 -1.06 -14.62 -2.15
C THR A 123 -2.55 -14.74 -1.80
N ILE A 124 -3.33 -15.33 -2.71
CA ILE A 124 -4.80 -15.45 -2.56
C ILE A 124 -5.28 -15.88 -1.15
N PRO A 125 -4.67 -16.93 -0.57
CA PRO A 125 -5.22 -17.41 0.70
C PRO A 125 -4.85 -16.53 1.91
N ALA A 126 -3.80 -15.72 1.79
CA ALA A 126 -3.28 -14.93 2.94
C ALA A 126 -4.27 -13.89 3.48
N ASN A 127 -4.42 -13.88 4.79
CA ASN A 127 -5.16 -12.86 5.51
C ASN A 127 -4.28 -11.65 5.81
N ALA A 128 -4.89 -10.46 5.80
CA ALA A 128 -4.20 -9.21 6.12
C ALA A 128 -3.65 -9.31 7.52
N SER A 129 -2.37 -8.95 7.66
CA SER A 129 -1.65 -9.08 8.92
C SER A 129 -1.15 -7.73 9.45
N HIS A 130 -1.07 -6.70 8.58
CA HIS A 130 -0.41 -5.46 8.94
C HIS A 130 -1.26 -4.24 8.80
N VAL A 131 -1.08 -3.30 9.73
CA VAL A 131 -1.57 -1.94 9.63
C VAL A 131 -0.37 -1.18 9.10
N VAL A 132 -0.56 -0.33 8.12
CA VAL A 132 0.57 0.38 7.51
C VAL A 132 0.36 1.85 7.76
N GLY A 133 1.42 2.51 8.24
CA GLY A 133 1.36 3.94 8.55
C GLY A 133 2.59 4.63 8.02
N ALA A 134 2.55 5.97 8.00
CA ALA A 134 3.68 6.73 7.54
C ALA A 134 3.88 8.00 8.33
N GLY A 135 5.13 8.40 8.49
CA GLY A 135 5.42 9.66 9.10
C GLY A 135 6.01 10.63 8.08
N ALA A 136 5.72 11.92 8.25
CA ALA A 136 6.07 12.91 7.24
C ALA A 136 7.12 13.90 7.71
N LEU A 137 8.30 13.81 7.12
CA LEU A 137 9.31 14.85 7.29
C LEU A 137 9.11 15.88 6.18
N VAL A 138 8.53 17.01 6.56
CA VAL A 138 8.30 18.11 5.64
C VAL A 138 9.26 19.25 5.94
N ILE A 139 10.17 19.50 5.01
CA ILE A 139 11.24 20.45 5.25
C ILE A 139 11.08 21.76 4.46
N ASN A 140 11.15 22.90 5.15
CA ASN A 140 11.34 24.20 4.49
C ASN A 140 12.84 24.37 4.24
N LYS A 141 13.26 24.23 2.98
CA LYS A 141 14.69 24.18 2.66
C LYS A 141 15.40 25.54 2.79
N ASN A 142 14.63 26.62 2.89
CA ASN A 142 15.16 27.96 3.14
C ASN A 142 15.61 28.14 4.59
N THR A 143 14.91 27.51 5.51
CA THR A 143 15.06 27.76 6.95
C THR A 143 15.53 26.53 7.72
N LYS A 144 15.60 25.37 7.05
CA LYS A 144 15.83 24.06 7.71
C LYS A 144 14.86 23.84 8.88
N GLU A 145 13.59 24.19 8.67
CA GLU A 145 12.56 23.97 9.66
C GLU A 145 11.68 22.84 9.16
N VAL A 146 11.12 22.08 10.09
CA VAL A 146 10.27 20.94 9.75
C VAL A 146 8.89 21.20 10.32
N LEU A 147 7.89 20.66 9.65
CA LEU A 147 6.51 20.79 10.06
C LEU A 147 6.18 19.80 11.18
N VAL A 148 5.62 20.29 12.29
CA VAL A 148 5.30 19.47 13.45
C VAL A 148 3.91 19.74 13.98
N VAL A 149 3.35 18.74 14.68
CA VAL A 149 2.02 18.84 15.27
C VAL A 149 2.01 18.39 16.73
N GLN A 150 0.98 18.83 17.42
CA GLN A 150 0.83 18.56 18.84
C GLN A 150 -0.66 18.36 19.07
N GLU A 151 -1.00 17.30 19.81
CA GLU A 151 -2.38 17.06 20.22
C GLU A 151 -2.94 18.18 21.08
N ARG A 152 -4.21 18.53 20.86
CA ARG A 152 -4.96 19.44 21.73
C ARG A 152 -5.71 18.61 22.81
N SER A 153 -5.68 17.28 22.67
CA SER A 153 -6.23 16.28 23.60
C SER A 153 -6.00 14.87 22.99
N GLY A 154 -6.06 13.77 23.77
CA GLY A 154 -6.32 13.73 25.21
C GLY A 154 -5.06 13.66 26.07
N PHE A 155 -4.42 12.48 26.14
CA PHE A 155 -3.26 12.29 27.08
C PHE A 155 -2.13 13.30 26.87
N PHE A 156 -1.85 13.62 25.60
CA PHE A 156 -0.71 14.46 25.24
C PHE A 156 -0.89 15.99 25.26
N LYS A 157 -2.09 16.47 25.61
CA LYS A 157 -2.22 17.85 26.12
C LYS A 157 -2.06 17.79 27.63
N ASP A 158 -1.37 18.73 28.25
CA ASP A 158 -0.58 19.74 27.59
C ASP A 158 0.87 19.36 27.86
N LYS A 159 1.34 18.34 27.15
CA LYS A 159 2.63 17.75 27.47
C LYS A 159 3.80 18.29 26.61
N ASN A 160 3.46 19.21 25.73
CA ASN A 160 4.39 19.82 24.78
C ASN A 160 5.26 18.85 24.00
N VAL A 161 4.61 17.88 23.41
CA VAL A 161 5.24 16.94 22.52
C VAL A 161 4.97 17.38 21.08
N TRP A 162 6.01 17.85 20.40
CA TRP A 162 5.85 18.23 18.99
C TRP A 162 6.34 17.13 18.09
N LYS A 163 5.46 16.64 17.22
CA LYS A 163 5.75 15.42 16.42
C LYS A 163 5.60 15.64 14.93
N LEU A 164 6.32 14.83 14.16
CA LEU A 164 6.11 14.80 12.73
C LEU A 164 4.67 14.32 12.48
N PRO A 165 3.96 14.92 11.49
CA PRO A 165 2.64 14.41 11.12
C PRO A 165 2.72 12.92 10.75
N THR A 166 1.75 12.15 11.21
CA THR A 166 1.69 10.69 10.91
C THR A 166 0.25 10.31 10.66
N GLY A 167 0.02 9.24 9.91
CA GLY A 167 -1.34 8.69 9.79
C GLY A 167 -1.25 7.30 9.16
N VAL A 168 -2.37 6.58 9.11
CA VAL A 168 -2.40 5.24 8.56
C VAL A 168 -2.71 5.32 7.06
N ILE A 169 -2.22 4.33 6.35
CA ILE A 169 -2.45 4.18 4.91
C ILE A 169 -3.69 3.29 4.78
N ASN A 170 -4.70 3.82 4.13
CA ASN A 170 -5.90 3.05 3.85
C ASN A 170 -5.68 1.98 2.81
N GLU A 171 -6.60 1.04 2.77
CA GLU A 171 -6.61 0.02 1.74
C GLU A 171 -6.76 0.72 0.37
N GLY A 172 -6.01 0.27 -0.63
CA GLY A 172 -6.07 0.83 -2.00
C GLY A 172 -5.31 2.13 -2.16
N GLU A 173 -4.58 2.53 -1.12
CA GLU A 173 -3.81 3.76 -1.18
C GLU A 173 -2.31 3.46 -1.19
N ASP A 174 -1.55 4.25 -1.93
CA ASP A 174 -0.12 4.18 -1.91
C ASP A 174 0.42 4.83 -0.64
N ILE A 175 1.60 4.40 -0.18
CA ILE A 175 2.31 5.03 0.92
C ILE A 175 2.54 6.51 0.56
N TRP A 176 2.99 6.76 -0.68
CA TRP A 176 3.39 8.12 -1.14
C TRP A 176 2.26 9.11 -1.20
N THR A 177 1.07 8.69 -1.65
CA THR A 177 -0.11 9.60 -1.64
C THR A 177 -0.72 9.66 -0.24
N GLY A 178 -0.77 8.52 0.43
CA GLY A 178 -1.39 8.45 1.73
C GLY A 178 -0.76 9.36 2.72
N VAL A 179 0.57 9.45 2.68
CA VAL A 179 1.28 10.28 3.63
C VAL A 179 1.03 11.78 3.36
N ALA A 180 1.02 12.15 2.08
CA ALA A 180 0.71 13.53 1.66
C ALA A 180 -0.69 13.97 2.07
N ARG A 181 -1.65 13.07 1.92
CA ARG A 181 -3.03 13.31 2.37
C ARG A 181 -3.09 13.68 3.84
N GLU A 182 -2.33 12.94 4.66
CA GLU A 182 -2.27 13.19 6.11
C GLU A 182 -1.78 14.61 6.43
N VAL A 183 -0.68 15.00 5.80
CA VAL A 183 -0.15 16.36 5.98
C VAL A 183 -1.18 17.45 5.69
N GLU A 184 -1.88 17.36 4.56
CA GLU A 184 -2.82 18.42 4.19
C GLU A 184 -4.11 18.37 5.00
N GLU A 185 -4.51 17.17 5.45
CA GLU A 185 -5.66 17.05 6.36
C GLU A 185 -5.36 17.71 7.71
N GLU A 186 -4.09 17.66 8.12
CA GLU A 186 -3.69 18.25 9.40
C GLU A 186 -3.32 19.74 9.33
N THR A 187 -2.64 20.17 8.26
CA THR A 187 -2.04 21.53 8.18
C THR A 187 -2.53 22.39 7.04
N GLY A 188 -3.16 21.78 6.04
CA GLY A 188 -3.54 22.48 4.80
C GLY A 188 -2.43 22.57 3.74
N ILE A 189 -1.20 22.23 4.11
CA ILE A 189 -0.05 22.28 3.20
C ILE A 189 -0.10 21.12 2.20
N ILE A 190 0.05 21.43 0.91
CA ILE A 190 0.21 20.39 -0.09
C ILE A 190 1.70 20.07 -0.26
N ALA A 191 2.05 18.79 -0.10
CA ALA A 191 3.45 18.36 -0.13
C ALA A 191 3.64 17.16 -1.06
N ASP A 192 4.77 17.13 -1.77
CA ASP A 192 5.03 16.08 -2.75
C ASP A 192 5.98 15.05 -2.15
N PHE A 193 5.65 13.77 -2.34
CA PHE A 193 6.46 12.68 -1.83
C PHE A 193 7.83 12.66 -2.52
N VAL A 194 8.87 12.54 -1.71
CA VAL A 194 10.23 12.54 -2.21
C VAL A 194 10.89 11.18 -2.02
N GLU A 195 10.99 10.71 -0.77
CA GLU A 195 11.56 9.38 -0.51
C GLU A 195 11.20 8.77 0.85
N VAL A 196 11.33 7.46 0.95
CA VAL A 196 11.22 6.76 2.24
C VAL A 196 12.61 6.77 2.87
N LEU A 197 12.71 7.19 4.14
CA LEU A 197 14.00 7.25 4.83
C LEU A 197 14.29 6.01 5.64
N ALA A 198 13.23 5.42 6.20
CA ALA A 198 13.37 4.27 7.09
C ALA A 198 12.02 3.64 7.30
N PHE A 199 12.02 2.37 7.73
CA PHE A 199 10.79 1.76 8.21
C PHE A 199 11.06 0.78 9.34
N ARG A 200 9.99 0.36 10.01
CA ARG A 200 10.09 -0.61 11.07
C ARG A 200 8.74 -1.26 11.37
N GLN A 201 8.75 -2.50 11.85
CA GLN A 201 7.52 -3.20 12.32
C GLN A 201 7.48 -3.08 13.83
N SER A 202 6.28 -3.00 14.40
CA SER A 202 6.12 -3.18 15.82
C SER A 202 4.77 -3.80 16.11
N HIS A 203 4.66 -4.42 17.28
CA HIS A 203 3.38 -4.86 17.78
C HIS A 203 2.84 -3.88 18.80
N LYS A 204 1.73 -3.25 18.45
CA LYS A 204 1.24 -2.11 19.21
C LYS A 204 0.66 -2.41 20.62
N ALA A 205 -0.24 -3.39 20.67
CA ALA A 205 -1.00 -3.67 21.89
C ALA A 205 -1.60 -5.07 21.89
N ILE A 206 -1.91 -5.55 23.09
CA ILE A 206 -2.66 -6.81 23.27
C ILE A 206 -4.05 -6.63 22.61
N LEU A 207 -4.83 -7.69 22.40
CA LEU A 207 -6.22 -7.51 21.80
C LEU A 207 -6.29 -7.21 20.29
N LYS A 208 -5.17 -6.87 19.66
CA LYS A 208 -5.11 -6.85 18.19
C LYS A 208 -3.89 -7.64 17.70
N LYS A 209 -4.10 -8.89 17.31
CA LYS A 209 -3.02 -9.74 16.83
C LYS A 209 -2.56 -9.37 15.39
N LYS A 210 -2.08 -8.16 15.23
CA LYS A 210 -1.64 -7.61 13.94
C LYS A 210 -0.42 -6.77 14.21
N THR A 211 0.40 -6.62 13.19
CA THR A 211 1.62 -5.85 13.31
C THR A 211 1.51 -4.54 12.57
N ASP A 212 2.08 -3.49 13.14
CA ASP A 212 2.15 -2.18 12.52
C ASP A 212 3.46 -2.01 11.75
N MET A 213 3.34 -1.51 10.54
CA MET A 213 4.49 -1.13 9.76
C MET A 213 4.48 0.39 9.57
N PHE A 214 5.62 1.03 9.83
CA PHE A 214 5.70 2.47 9.81
C PHE A 214 6.80 2.90 8.87
N PHE A 215 6.49 3.79 7.94
CA PHE A 215 7.48 4.34 7.00
C PHE A 215 7.74 5.82 7.30
N LEU A 216 9.00 6.18 7.55
CA LEU A 216 9.38 7.59 7.66
C LEU A 216 9.67 8.13 6.25
N CYS A 217 8.85 9.10 5.84
CA CYS A 217 8.91 9.63 4.49
C CYS A 217 9.31 11.09 4.51
N VAL A 218 10.06 11.52 3.49
CA VAL A 218 10.35 12.93 3.36
C VAL A 218 9.45 13.48 2.26
N LEU A 219 8.80 14.61 2.52
CA LEU A 219 7.93 15.26 1.53
C LEU A 219 8.37 16.71 1.32
N SER A 220 8.17 17.21 0.10
CA SER A 220 8.56 18.59 -0.26
C SER A 220 7.30 19.48 -0.31
N PRO A 221 7.23 20.47 0.57
CA PRO A 221 6.03 21.35 0.63
C PRO A 221 5.91 22.32 -0.59
N ARG A 222 4.68 22.55 -1.06
CA ARG A 222 4.41 23.50 -2.17
C ARG A 222 4.19 24.92 -1.68
N SER A 223 3.79 25.05 -0.40
CA SER A 223 3.74 26.37 0.28
C SER A 223 4.05 26.17 1.77
N TYR A 224 4.06 27.27 2.51
CA TYR A 224 4.51 27.28 3.89
C TYR A 224 3.47 27.84 4.87
N ASP A 225 2.40 28.43 4.32
CA ASP A 225 1.32 29.00 5.11
C ASP A 225 0.39 27.91 5.63
N ILE A 226 0.42 27.73 6.95
CA ILE A 226 -0.43 26.77 7.64
C ILE A 226 -1.82 27.34 7.85
N THR A 227 -2.84 26.58 7.48
CA THR A 227 -4.23 27.00 7.68
C THR A 227 -4.59 26.75 9.15
N GLU A 228 -4.61 27.83 9.94
CA GLU A 228 -4.85 27.76 11.39
C GLU A 228 -6.13 26.98 11.74
N GLN A 229 -5.98 25.97 12.59
CA GLN A 229 -7.08 25.11 13.05
C GLN A 229 -7.80 24.41 11.89
N LYS A 230 -7.08 23.51 11.21
CA LYS A 230 -7.64 22.69 10.12
C LYS A 230 -8.57 21.62 10.70
N SER A 231 -8.17 21.05 11.84
CA SER A 231 -9.07 20.22 12.66
C SER A 231 -8.87 20.58 14.15
N GLU A 232 -9.84 20.21 14.98
CA GLU A 232 -9.82 20.52 16.42
C GLU A 232 -8.76 19.74 17.20
N ILE A 233 -8.42 18.55 16.68
CA ILE A 233 -7.50 17.61 17.33
C ILE A 233 -6.05 18.11 17.46
N LEU A 234 -5.58 18.87 16.47
CA LEU A 234 -4.17 19.23 16.36
C LEU A 234 -3.86 20.72 16.16
N GLN A 235 -2.69 21.12 16.62
CA GLN A 235 -2.08 22.39 16.32
C GLN A 235 -0.80 22.11 15.52
N ALA A 236 -0.44 23.01 14.59
CA ALA A 236 0.72 22.80 13.76
C ALA A 236 1.55 24.05 13.64
N LYS A 237 2.86 23.86 13.52
CA LYS A 237 3.81 24.95 13.29
C LYS A 237 5.06 24.42 12.60
N TRP A 238 5.89 25.33 12.11
CA TRP A 238 7.27 25.06 11.69
C TRP A 238 8.22 25.13 12.85
N MET A 239 9.18 24.22 12.90
CA MET A 239 10.12 24.14 14.01
C MET A 239 11.53 23.85 13.47
N PRO A 240 12.55 24.58 13.96
CA PRO A 240 13.93 24.31 13.53
C PRO A 240 14.30 22.85 13.78
N ILE A 241 14.99 22.24 12.83
CA ILE A 241 15.33 20.81 12.98
C ILE A 241 16.05 20.48 14.31
N GLN A 242 17.00 21.32 14.71
CA GLN A 242 17.75 21.10 15.97
C GLN A 242 16.85 21.11 17.18
N GLU A 243 15.84 21.97 17.15
CA GLU A 243 14.86 22.05 18.22
C GLU A 243 13.95 20.82 18.23
N TYR A 244 13.59 20.30 17.06
CA TYR A 244 12.84 19.03 17.00
C TYR A 244 13.65 17.89 17.62
N VAL A 245 14.92 17.79 17.23
CA VAL A 245 15.81 16.75 17.74
C VAL A 245 16.00 16.85 19.26
N ASP A 246 16.08 18.07 19.78
CA ASP A 246 16.48 18.29 21.20
C ASP A 246 15.34 18.20 22.21
N GLN A 247 14.10 18.01 21.73
CA GLN A 247 12.97 17.79 22.64
C GLN A 247 13.30 16.64 23.60
N PRO A 248 13.12 16.85 24.92
CA PRO A 248 13.48 15.82 25.89
C PRO A 248 12.82 14.47 25.63
N TRP A 249 11.57 14.47 25.15
CA TRP A 249 10.89 13.22 24.79
C TRP A 249 11.63 12.50 23.68
N ASN A 250 12.22 13.27 22.77
CA ASN A 250 12.93 12.76 21.62
C ASN A 250 14.32 12.27 21.96
N LYS A 251 14.77 12.52 23.19
CA LYS A 251 16.05 12.04 23.68
C LYS A 251 15.87 10.90 24.68
N LYS A 252 14.63 10.49 24.86
CA LYS A 252 14.24 9.53 25.90
C LYS A 252 14.86 8.14 25.71
N ASN A 253 14.95 7.65 24.47
CA ASN A 253 15.53 6.32 24.20
C ASN A 253 16.35 6.32 22.90
N GLU A 254 17.07 5.23 22.65
CA GLU A 254 17.91 5.09 21.47
C GLU A 254 17.08 5.13 20.15
N MET A 255 15.90 4.52 20.14
CA MET A 255 15.10 4.48 18.92
C MET A 255 14.65 5.88 18.46
N PHE A 256 14.18 6.70 19.39
CA PHE A 256 13.72 8.05 19.05
C PHE A 256 14.88 8.89 18.55
N LYS A 257 16.01 8.83 19.27
CA LYS A 257 17.22 9.57 18.88
C LYS A 257 17.68 9.15 17.49
N PHE A 258 17.64 7.83 17.23
CA PHE A 258 18.06 7.26 15.95
C PHE A 258 17.21 7.79 14.81
N MET A 259 15.88 7.73 14.97
CA MET A 259 14.93 8.26 13.99
C MET A 259 15.13 9.74 13.77
N ALA A 260 15.24 10.48 14.86
CA ALA A 260 15.42 11.95 14.80
C ALA A 260 16.73 12.30 14.12
N ASN A 261 17.74 11.48 14.32
CA ASN A 261 19.04 11.70 13.67
C ASN A 261 18.99 11.46 12.13
N ILE A 262 18.25 10.45 11.69
CA ILE A 262 18.00 10.27 10.29
C ILE A 262 17.30 11.51 9.68
N CYS A 263 16.34 12.09 10.42
CA CYS A 263 15.67 13.31 9.97
C CYS A 263 16.63 14.48 9.82
N GLN A 264 17.53 14.64 10.79
CA GLN A 264 18.47 15.76 10.76
C GLN A 264 19.45 15.58 9.62
N LYS A 265 19.98 14.38 9.46
CA LYS A 265 20.89 14.11 8.36
C LYS A 265 20.25 14.38 6.99
N LYS A 266 18.96 14.16 6.86
CA LYS A 266 18.27 14.46 5.59
C LYS A 266 18.13 15.97 5.38
N CYS A 267 17.82 16.69 6.47
CA CYS A 267 17.85 18.16 6.48
C CYS A 267 19.23 18.71 6.09
N GLU A 268 20.30 17.98 6.42
CA GLU A 268 21.68 18.36 6.09
C GLU A 268 22.08 17.84 4.71
N GLU A 269 21.14 17.19 4.02
CA GLU A 269 21.41 16.60 2.69
C GLU A 269 22.51 15.53 2.77
N GLU A 270 22.52 14.77 3.86
CA GLU A 270 23.53 13.74 4.09
C GLU A 270 22.94 12.34 4.26
N TYR A 271 21.79 12.10 3.60
CA TYR A 271 21.06 10.85 3.77
C TYR A 271 20.27 10.48 2.53
N LEU A 272 20.65 9.36 1.96
CA LEU A 272 20.05 8.85 0.75
C LEU A 272 19.02 7.73 1.09
N GLY A 273 17.75 8.03 0.88
CA GLY A 273 16.67 7.05 1.10
C GLY A 273 16.24 6.34 -0.17
N PHE A 274 15.04 5.79 -0.16
CA PHE A 274 14.50 5.03 -1.28
C PHE A 274 13.50 5.92 -1.98
N ALA A 275 13.64 6.08 -3.29
CA ALA A 275 12.66 6.86 -4.07
C ALA A 275 11.77 5.91 -4.83
N ILE A 276 10.73 6.48 -5.44
CA ILE A 276 9.81 5.74 -6.28
C ILE A 276 10.19 5.79 -7.75
N VAL A 277 10.13 4.64 -8.41
CA VAL A 277 10.29 4.53 -9.85
C VAL A 277 9.07 3.81 -10.46
N PRO A 278 8.28 4.50 -11.31
CA PRO A 278 7.15 3.84 -11.97
C PRO A 278 7.63 2.89 -13.06
N THR A 279 7.03 1.71 -13.09
CA THR A 279 7.36 0.70 -14.09
C THR A 279 6.06 0.15 -14.64
N THR A 280 6.12 -0.41 -15.84
CA THR A 280 4.93 -0.97 -16.50
C THR A 280 4.83 -2.47 -16.25
N THR A 281 3.64 -2.92 -15.83
CA THR A 281 3.33 -4.35 -15.70
C THR A 281 2.88 -4.94 -17.05
N SER A 282 2.80 -6.26 -17.10
CA SER A 282 2.39 -6.97 -18.33
C SER A 282 1.01 -6.58 -18.87
N SER A 283 0.18 -5.96 -18.01
CA SER A 283 -1.14 -5.52 -18.44
C SER A 283 -1.18 -4.05 -18.85
N GLY A 284 -0.04 -3.35 -18.74
CA GLY A 284 0.03 -1.93 -19.11
C GLY A 284 -0.17 -0.94 -17.98
N LYS A 285 -0.49 -1.41 -16.79
CA LYS A 285 -0.62 -0.55 -15.62
C LYS A 285 0.73 -0.21 -15.00
N GLU A 286 0.72 0.86 -14.21
CA GLU A 286 1.92 1.37 -13.57
C GLU A 286 2.04 0.81 -12.17
N SER A 287 3.24 0.37 -11.83
CA SER A 287 3.57 -0.10 -10.50
C SER A 287 4.77 0.69 -10.00
N PHE A 288 4.64 1.27 -8.80
CA PHE A 288 5.69 2.09 -8.22
C PHE A 288 6.67 1.22 -7.42
N ILE A 289 7.93 1.22 -7.82
CA ILE A 289 8.95 0.50 -7.08
C ILE A 289 9.73 1.46 -6.20
N TYR A 290 9.74 1.21 -4.89
CA TYR A 290 10.58 1.93 -3.93
C TYR A 290 11.93 1.27 -3.91
N CYS A 291 12.95 2.06 -4.22
CA CYS A 291 14.30 1.55 -4.35
C CYS A 291 15.31 2.66 -4.20
N ASN A 292 16.58 2.28 -4.11
CA ASN A 292 17.68 3.22 -4.23
C ASN A 292 17.64 3.63 -5.71
N ALA A 293 16.97 4.73 -6.05
CA ALA A 293 16.67 5.05 -7.51
C ALA A 293 17.92 5.31 -8.36
N ASP A 294 18.95 5.86 -7.71
CA ASP A 294 20.23 6.13 -8.34
C ASP A 294 20.69 4.85 -8.99
N HIS A 295 20.94 3.80 -8.20
CA HIS A 295 21.21 2.49 -8.80
C HIS A 295 19.88 1.95 -9.28
N ALA A 296 19.83 0.76 -9.87
CA ALA A 296 18.55 0.22 -10.40
C ALA A 296 18.23 0.67 -11.83
S SO4 B . 5.69 1.14 19.12
O1 SO4 B . 7.17 1.06 19.27
O2 SO4 B . 4.99 -0.16 19.32
O3 SO4 B . 5.04 1.98 20.15
O4 SO4 B . 5.39 1.74 17.82
#